data_3TG1
#
_entry.id   3TG1
#
_cell.length_a   72.428
_cell.length_b   72.428
_cell.length_c   226.143
_cell.angle_alpha   90.00
_cell.angle_beta   90.00
_cell.angle_gamma   90.00
#
_symmetry.space_group_name_H-M   'P 41 21 2'
#
loop_
_entity.id
_entity.type
_entity.pdbx_description
1 polymer 'Mitogen-activated protein kinase 14'
2 polymer 'Dual specificity protein phosphatase 10'
3 water water
#
loop_
_entity_poly.entity_id
_entity_poly.type
_entity_poly.pdbx_seq_one_letter_code
_entity_poly.pdbx_strand_id
1 'polypeptide(L)'
;MGSSHHHHHHSSGLVPRGSHMSQERPTFYRQELNKTIWEVPERYQNLSPVGSGAYGSVCAAFDTKTGHRVAVKKLSRPFQ
SIIHAKRTYRELRLLKHMKHENVIGLLDVFTPARSLEEFNDVYLVTHLMGADLNNIVKCQKLTDDHVQFLIYQILRGLKY
IHSADIIHRDLKPSNLAVNEDCELKILDFGLARHTDDEMTGYVATRWYRAPEIMLNWMHYNQTVDIWSVGCIMAELLTGR
TLFPGTDHIDQLKLILRLVGTPGAELLKKISSESARNYIQSLAQMPKMNFANVFIGANPLAVDLLEKMLVLDSDKRITAA
QALAHAYFAQYHDPDDEPVADPYDQSFESRDLLIDEWKSLTYDEVISFVPPPLDQEEMES
;
A
2 'polypeptide(L)'
;MGTPKQLASIKIIYPNDLAKKMTKCSKSHLPSQGPVIIDCRPFMEYNKSHIQGAVHINCADKISRRRLQQGKITVLDLIS
CREGKDSFKRIFSKEIIVYDENTNEPSRVMPSQPLHIVLESLKREGKEPLVLKGGLSSFKQNHENLCDNSLEHHHHHH
;
B
#
# COMPACT_ATOMS: atom_id res chain seq x y z
N ARG A 25 15.22 13.39 28.58
CA ARG A 25 16.05 12.45 27.82
C ARG A 25 16.01 11.06 28.42
N PRO A 26 15.89 10.03 27.56
CA PRO A 26 15.81 8.65 28.03
C PRO A 26 17.17 8.08 28.36
N THR A 27 17.25 6.76 28.36
CA THR A 27 18.49 6.04 28.66
C THR A 27 18.84 5.14 27.49
N PHE A 28 19.92 5.46 26.79
CA PHE A 28 20.32 4.67 25.64
C PHE A 28 21.24 3.52 26.04
N TYR A 29 21.33 2.52 25.18
CA TYR A 29 22.20 1.40 25.42
C TYR A 29 22.94 1.04 24.14
N ARG A 30 24.26 1.25 24.16
CA ARG A 30 25.12 0.96 23.01
C ARG A 30 25.19 -0.52 22.73
N GLN A 31 25.58 -0.83 21.50
CA GLN A 31 25.69 -2.21 21.08
C GLN A 31 26.26 -2.18 19.67
N GLU A 32 26.80 -3.30 19.22
CA GLU A 32 27.40 -3.33 17.89
C GLU A 32 26.78 -4.40 17.01
N LEU A 33 26.17 -3.96 15.93
CA LEU A 33 25.57 -4.86 14.97
C LEU A 33 26.25 -4.67 13.64
N ASN A 34 26.68 -5.77 13.03
CA ASN A 34 27.36 -5.74 11.75
C ASN A 34 28.25 -4.50 11.56
N LYS A 35 29.38 -4.47 12.27
CA LYS A 35 30.32 -3.37 12.14
C LYS A 35 29.99 -1.89 12.35
N THR A 36 28.70 -1.57 12.34
CA THR A 36 28.12 -0.36 12.88
C THR A 36 27.60 -0.44 14.33
N ILE A 37 27.84 0.64 15.07
CA ILE A 37 27.42 0.75 16.47
C ILE A 37 26.09 1.49 16.64
N TRP A 38 25.10 0.82 17.23
CA TRP A 38 23.79 1.41 17.46
C TRP A 38 23.59 1.89 18.90
N GLU A 39 23.30 3.18 19.06
CA GLU A 39 23.00 3.76 20.39
C GLU A 39 21.55 4.25 20.43
N VAL A 40 20.69 3.49 21.11
CA VAL A 40 19.27 3.78 21.12
C VAL A 40 18.55 3.69 22.49
N PRO A 41 17.50 4.49 22.67
CA PRO A 41 16.72 4.52 23.90
C PRO A 41 16.20 3.16 24.40
N GLU A 42 16.25 3.00 25.73
CA GLU A 42 15.84 1.80 26.43
C GLU A 42 14.57 1.18 25.87
N ARG A 43 13.61 2.00 25.49
CA ARG A 43 12.33 1.51 24.98
C ARG A 43 12.44 0.65 23.72
N TYR A 44 13.41 0.93 22.86
CA TYR A 44 13.60 0.12 21.68
C TYR A 44 14.46 -1.07 22.07
N GLN A 45 14.01 -2.28 21.77
CA GLN A 45 14.70 -3.50 22.19
C GLN A 45 14.67 -4.58 21.14
N ASN A 46 15.69 -5.44 21.16
CA ASN A 46 15.80 -6.59 20.25
C ASN A 46 16.21 -6.22 18.82
N LEU A 47 16.92 -5.11 18.70
CA LEU A 47 17.44 -4.67 17.43
C LEU A 47 17.96 -5.84 16.60
N SER A 48 17.47 -5.97 15.38
CA SER A 48 17.88 -7.03 14.50
C SER A 48 18.19 -6.45 13.09
N PRO A 49 19.47 -6.47 12.68
CA PRO A 49 19.91 -5.92 11.40
C PRO A 49 19.13 -6.46 10.22
N VAL A 50 18.36 -5.59 9.61
CA VAL A 50 17.54 -5.98 8.46
C VAL A 50 18.25 -5.62 7.18
N GLY A 51 19.23 -4.72 7.27
CA GLY A 51 19.96 -4.34 6.07
C GLY A 51 20.49 -2.93 6.10
N SER A 52 20.96 -2.49 4.93
CA SER A 52 21.54 -1.16 4.80
C SER A 52 21.61 -0.69 3.35
N GLY A 53 22.51 0.24 3.11
CA GLY A 53 22.67 0.80 1.78
C GLY A 53 23.19 2.21 1.88
N ALA A 54 23.08 2.95 0.77
CA ALA A 54 23.54 4.33 0.73
C ALA A 54 22.89 5.12 1.85
N TYR A 55 21.56 5.15 1.84
CA TYR A 55 20.76 5.86 2.84
C TYR A 55 21.26 5.66 4.27
N GLY A 56 21.43 4.41 4.68
CA GLY A 56 21.89 4.11 6.02
C GLY A 56 21.53 2.70 6.46
N SER A 57 21.80 2.39 7.72
CA SER A 57 21.49 1.06 8.26
C SER A 57 20.13 1.02 8.94
N VAL A 58 19.50 -0.14 8.91
CA VAL A 58 18.18 -0.27 9.52
C VAL A 58 18.06 -1.55 10.32
N CYS A 59 17.59 -1.41 11.57
CA CYS A 59 17.36 -2.56 12.45
C CYS A 59 15.88 -2.74 12.76
N ALA A 60 15.45 -3.99 12.69
CA ALA A 60 14.10 -4.36 13.10
C ALA A 60 14.09 -4.43 14.63
N ALA A 61 13.06 -3.90 15.27
CA ALA A 61 13.04 -3.95 16.73
C ALA A 61 11.67 -4.23 17.30
N PHE A 62 11.54 -3.87 18.58
CA PHE A 62 10.32 -4.02 19.36
C PHE A 62 10.29 -2.84 20.32
N ASP A 63 9.25 -2.02 20.24
CA ASP A 63 9.14 -0.85 21.10
C ASP A 63 8.28 -1.14 22.33
N THR A 64 8.93 -1.51 23.43
CA THR A 64 8.19 -1.80 24.67
C THR A 64 7.20 -0.70 25.02
N LYS A 65 7.53 0.53 24.66
CA LYS A 65 6.66 1.66 24.94
C LYS A 65 5.61 1.86 23.85
N THR A 66 5.10 0.77 23.30
CA THR A 66 4.09 0.89 22.25
C THR A 66 3.60 -0.46 21.74
N GLY A 67 4.38 -1.50 21.98
CA GLY A 67 3.98 -2.83 21.55
C GLY A 67 4.21 -3.12 20.07
N HIS A 68 4.72 -2.11 19.34
CA HIS A 68 4.95 -2.24 17.92
C HIS A 68 6.34 -2.76 17.56
N ARG A 69 6.40 -3.75 16.68
CA ARG A 69 7.68 -4.12 16.06
C ARG A 69 8.01 -2.87 15.26
N VAL A 70 9.23 -2.35 15.34
CA VAL A 70 9.47 -1.14 14.58
C VAL A 70 10.76 -1.19 13.83
N ALA A 71 10.94 -0.21 12.94
CA ALA A 71 12.14 -0.12 12.14
C ALA A 71 12.92 1.12 12.56
N VAL A 72 14.18 0.92 12.92
CA VAL A 72 15.05 2.01 13.30
C VAL A 72 16.08 2.20 12.21
N LYS A 73 16.14 3.39 11.64
CA LYS A 73 17.12 3.65 10.58
C LYS A 73 18.20 4.51 11.16
N LYS A 74 19.42 4.02 11.09
CA LYS A 74 20.54 4.80 11.57
C LYS A 74 21.07 5.54 10.36
N LEU A 75 21.02 6.86 10.43
CA LEU A 75 21.53 7.73 9.36
C LEU A 75 22.92 8.21 9.76
N SER A 76 23.92 7.72 9.06
CA SER A 76 25.29 8.15 9.35
C SER A 76 25.85 8.97 8.19
N ARG A 77 26.81 9.84 8.48
CA ARG A 77 27.36 10.70 7.44
C ARG A 77 26.23 11.48 6.75
N PRO A 78 25.31 12.04 7.54
CA PRO A 78 24.22 12.81 6.96
C PRO A 78 24.72 14.20 6.59
N PHE A 79 25.88 14.58 7.14
CA PHE A 79 26.40 15.91 6.90
C PHE A 79 27.78 15.94 6.26
N GLN A 80 28.17 14.85 5.59
CA GLN A 80 29.48 14.80 4.96
C GLN A 80 29.45 15.49 3.60
N SER A 81 28.56 16.47 3.45
CA SER A 81 28.42 17.22 2.21
C SER A 81 27.21 18.14 2.25
N ILE A 82 27.22 19.17 1.41
CA ILE A 82 26.09 20.08 1.34
C ILE A 82 24.90 19.33 0.79
N ILE A 83 25.13 18.64 -0.32
CA ILE A 83 24.07 17.84 -0.95
C ILE A 83 23.47 16.91 0.09
N HIS A 84 24.33 16.31 0.90
CA HIS A 84 23.87 15.35 1.90
C HIS A 84 23.15 16.03 3.05
N ALA A 85 23.74 17.12 3.55
CA ALA A 85 23.16 17.84 4.67
C ALA A 85 21.72 18.22 4.32
N LYS A 86 21.57 18.86 3.16
CA LYS A 86 20.27 19.29 2.71
C LYS A 86 19.36 18.07 2.58
N ARG A 87 19.82 17.07 1.86
CA ARG A 87 19.06 15.84 1.67
C ARG A 87 18.56 15.31 3.03
N THR A 88 19.45 15.27 4.01
CA THR A 88 19.06 14.81 5.32
C THR A 88 17.98 15.72 5.88
N TYR A 89 18.15 17.02 5.70
CA TYR A 89 17.15 17.99 6.13
C TYR A 89 15.79 17.71 5.49
N ARG A 90 15.82 17.57 4.17
CA ARG A 90 14.61 17.35 3.40
C ARG A 90 13.84 16.14 3.89
N GLU A 91 14.49 14.99 3.92
CA GLU A 91 13.83 13.75 4.32
C GLU A 91 13.15 13.91 5.67
N LEU A 92 13.87 14.49 6.62
CA LEU A 92 13.32 14.65 7.95
C LEU A 92 12.07 15.53 7.95
N ARG A 93 12.16 16.70 7.34
CA ARG A 93 11.02 17.63 7.32
C ARG A 93 9.79 16.98 6.72
N LEU A 94 10.02 16.33 5.59
CA LEU A 94 9.01 15.65 4.82
C LEU A 94 8.36 14.53 5.65
N LEU A 95 9.20 13.81 6.38
CA LEU A 95 8.73 12.70 7.19
C LEU A 95 7.92 13.21 8.37
N LYS A 96 8.35 14.32 8.95
CA LYS A 96 7.64 14.87 10.10
C LYS A 96 6.29 15.38 9.70
N HIS A 97 6.13 15.69 8.41
CA HIS A 97 4.90 16.28 7.90
C HIS A 97 3.74 15.31 7.67
N MET A 98 4.04 14.19 7.00
CA MET A 98 3.01 13.21 6.67
C MET A 98 2.39 12.55 7.90
N LYS A 99 1.07 12.65 8.03
CA LYS A 99 0.34 12.01 9.10
C LYS A 99 -0.93 11.41 8.53
N HIS A 100 -0.78 10.22 7.95
CA HIS A 100 -1.86 9.59 7.21
C HIS A 100 -1.66 8.07 7.24
N GLU A 101 -2.74 7.34 7.53
CA GLU A 101 -2.74 5.90 7.61
C GLU A 101 -2.09 5.18 6.43
N ASN A 102 -2.04 5.85 5.29
CA ASN A 102 -1.50 5.21 4.10
C ASN A 102 -0.18 5.80 3.67
N VAL A 103 0.47 6.51 4.58
CA VAL A 103 1.76 7.10 4.26
C VAL A 103 2.73 6.85 5.40
N ILE A 104 3.98 6.54 5.04
CA ILE A 104 5.03 6.30 6.02
C ILE A 104 5.03 7.46 7.00
N GLY A 105 5.02 7.15 8.29
CA GLY A 105 5.03 8.17 9.32
C GLY A 105 6.11 7.97 10.35
N LEU A 106 6.59 9.10 10.89
CA LEU A 106 7.65 9.07 11.89
C LEU A 106 7.11 8.85 13.33
N LEU A 107 7.37 7.66 13.88
CA LEU A 107 7.00 7.32 15.26
C LEU A 107 7.93 7.99 16.27
N ASP A 108 9.17 8.22 15.84
CA ASP A 108 10.18 8.86 16.68
C ASP A 108 11.42 9.17 15.85
N VAL A 109 12.18 10.17 16.32
CA VAL A 109 13.45 10.59 15.74
C VAL A 109 14.30 11.05 16.91
N PHE A 110 15.52 10.54 17.01
CA PHE A 110 16.40 10.88 18.13
C PHE A 110 17.90 10.91 17.81
N THR A 111 18.68 11.40 18.77
CA THR A 111 20.14 11.52 18.63
C THR A 111 20.83 11.39 19.98
N PRO A 112 21.84 10.52 20.09
CA PRO A 112 22.51 10.44 21.38
C PRO A 112 23.25 11.75 21.69
N ALA A 113 23.69 12.43 20.64
CA ALA A 113 24.37 13.71 20.80
C ALA A 113 23.60 14.62 21.75
N ARG A 114 24.31 15.42 22.54
CA ARG A 114 23.66 16.32 23.48
C ARG A 114 23.78 17.76 23.02
N SER A 115 24.85 18.04 22.29
CA SER A 115 25.13 19.37 21.81
C SER A 115 25.15 19.36 20.28
N LEU A 116 24.77 20.48 19.67
CA LEU A 116 24.79 20.59 18.22
C LEU A 116 26.17 20.29 17.65
N GLU A 117 27.17 20.27 18.52
CA GLU A 117 28.55 20.01 18.12
C GLU A 117 28.84 18.51 18.12
N GLU A 118 28.27 17.80 19.08
CA GLU A 118 28.44 16.36 19.20
C GLU A 118 27.43 15.66 18.29
N PHE A 119 26.68 16.46 17.55
CA PHE A 119 25.64 15.96 16.65
C PHE A 119 26.20 15.60 15.27
N ASN A 120 25.85 14.41 14.81
CA ASN A 120 26.27 13.92 13.50
C ASN A 120 25.77 12.49 13.31
N ASP A 121 24.66 12.19 13.96
CA ASP A 121 24.02 10.89 13.90
C ASP A 121 22.53 11.12 14.01
N VAL A 122 21.77 10.52 13.11
CA VAL A 122 20.32 10.66 13.16
C VAL A 122 19.65 9.30 13.07
N TYR A 123 18.66 9.08 13.93
CA TYR A 123 17.93 7.82 13.96
C TYR A 123 16.44 8.08 13.75
N LEU A 124 15.86 7.41 12.76
CA LEU A 124 14.46 7.57 12.44
C LEU A 124 13.75 6.28 12.81
N VAL A 125 12.59 6.39 13.44
CA VAL A 125 11.81 5.22 13.87
C VAL A 125 10.44 5.20 13.18
N THR A 126 10.06 4.03 12.67
CA THR A 126 8.75 3.88 12.02
C THR A 126 8.25 2.46 12.20
N HIS A 127 6.94 2.27 12.11
CA HIS A 127 6.36 0.94 12.22
C HIS A 127 7.13 0.04 11.32
N LEU A 128 7.55 -1.12 11.82
CA LEU A 128 8.19 -2.09 10.96
C LEU A 128 7.07 -2.58 10.07
N MET A 129 7.12 -2.27 8.79
CA MET A 129 6.08 -2.75 7.91
C MET A 129 6.68 -3.92 7.18
N GLY A 130 6.09 -5.10 7.39
CA GLY A 130 6.58 -6.29 6.75
C GLY A 130 6.10 -6.39 5.32
N ALA A 131 6.90 -7.05 4.48
CA ALA A 131 6.56 -7.22 3.08
C ALA A 131 6.47 -5.91 2.33
N ASP A 132 6.33 -6.04 1.02
CA ASP A 132 6.18 -4.92 0.13
C ASP A 132 5.41 -5.49 -1.06
N LEU A 133 4.75 -4.63 -1.82
CA LEU A 133 3.88 -5.06 -2.91
C LEU A 133 4.60 -6.00 -3.86
N ASN A 134 5.90 -5.81 -3.99
CA ASN A 134 6.74 -6.67 -4.82
C ASN A 134 6.65 -8.10 -4.32
N ASN A 135 7.01 -8.30 -3.06
CA ASN A 135 6.95 -9.62 -2.45
C ASN A 135 5.57 -10.26 -2.59
N ILE A 136 4.54 -9.53 -2.22
CA ILE A 136 3.18 -10.05 -2.31
C ILE A 136 2.85 -10.60 -3.70
N VAL A 137 2.98 -9.75 -4.74
CA VAL A 137 2.69 -10.13 -6.12
C VAL A 137 3.49 -11.33 -6.61
N LYS A 138 4.75 -11.43 -6.21
CA LYS A 138 5.58 -12.55 -6.61
C LYS A 138 5.29 -13.83 -5.82
N CYS A 139 4.52 -13.73 -4.75
CA CYS A 139 4.21 -14.89 -3.89
C CYS A 139 2.87 -15.53 -4.21
N GLN A 140 1.81 -14.74 -4.24
CA GLN A 140 0.47 -15.27 -4.48
C GLN A 140 -0.33 -14.41 -5.44
N LYS A 141 -1.42 -14.97 -5.93
CA LYS A 141 -2.32 -14.28 -6.84
C LYS A 141 -3.49 -13.76 -6.01
N LEU A 142 -3.67 -12.45 -6.00
CA LEU A 142 -4.69 -11.78 -5.21
C LEU A 142 -6.07 -11.82 -5.87
N THR A 143 -7.13 -11.67 -5.07
CA THR A 143 -8.48 -11.62 -5.59
C THR A 143 -8.73 -10.19 -6.02
N ASP A 144 -9.78 -9.97 -6.80
CA ASP A 144 -10.11 -8.61 -7.22
C ASP A 144 -10.32 -7.66 -6.04
N ASP A 145 -10.88 -8.16 -4.95
CA ASP A 145 -11.12 -7.32 -3.77
C ASP A 145 -9.82 -6.88 -3.13
N HIS A 146 -8.85 -7.78 -3.10
CA HIS A 146 -7.53 -7.43 -2.62
C HIS A 146 -6.93 -6.31 -3.46
N VAL A 147 -6.99 -6.48 -4.78
CA VAL A 147 -6.42 -5.49 -5.71
C VAL A 147 -7.12 -4.17 -5.49
N GLN A 148 -8.44 -4.26 -5.41
CA GLN A 148 -9.28 -3.09 -5.18
C GLN A 148 -8.95 -2.41 -3.83
N PHE A 149 -8.82 -3.19 -2.75
CA PHE A 149 -8.49 -2.59 -1.47
C PHE A 149 -7.10 -1.98 -1.47
N LEU A 150 -6.14 -2.70 -2.03
CA LEU A 150 -4.77 -2.20 -2.11
C LEU A 150 -4.66 -0.90 -2.90
N ILE A 151 -5.30 -0.85 -4.06
CA ILE A 151 -5.23 0.34 -4.87
C ILE A 151 -6.03 1.51 -4.31
N TYR A 152 -7.15 1.21 -3.67
CA TYR A 152 -7.92 2.24 -2.95
C TYR A 152 -6.99 2.96 -1.98
N GLN A 153 -6.22 2.19 -1.25
CA GLN A 153 -5.33 2.73 -0.26
C GLN A 153 -4.24 3.54 -0.86
N ILE A 154 -3.68 3.09 -1.99
CA ILE A 154 -2.61 3.85 -2.63
C ILE A 154 -3.16 5.22 -2.98
N LEU A 155 -4.33 5.21 -3.61
CA LEU A 155 -4.99 6.45 -4.00
C LEU A 155 -5.31 7.38 -2.83
N ARG A 156 -5.74 6.81 -1.70
CA ARG A 156 -6.09 7.59 -0.50
C ARG A 156 -4.92 8.43 0.03
N GLY A 157 -3.73 7.82 0.10
CA GLY A 157 -2.57 8.55 0.56
C GLY A 157 -1.98 9.41 -0.54
N LEU A 158 -2.24 9.01 -1.77
CA LEU A 158 -1.79 9.78 -2.90
C LEU A 158 -2.57 11.09 -2.92
N LYS A 159 -3.84 11.01 -2.53
CA LYS A 159 -4.68 12.19 -2.44
C LYS A 159 -4.11 13.06 -1.35
N TYR A 160 -3.73 12.45 -0.24
CA TYR A 160 -3.18 13.19 0.87
C TYR A 160 -1.89 13.87 0.47
N ILE A 161 -0.95 13.08 -0.05
CA ILE A 161 0.36 13.58 -0.47
C ILE A 161 0.24 14.74 -1.46
N HIS A 162 -0.64 14.58 -2.46
CA HIS A 162 -0.85 15.64 -3.43
C HIS A 162 -1.44 16.90 -2.79
N SER A 163 -2.33 16.73 -1.81
CA SER A 163 -2.88 17.86 -1.06
C SER A 163 -1.80 18.82 -0.61
N ALA A 164 -0.73 18.27 -0.05
CA ALA A 164 0.37 19.07 0.46
C ALA A 164 1.26 19.60 -0.65
N ASP A 165 0.80 19.45 -1.88
CA ASP A 165 1.53 19.94 -3.06
C ASP A 165 2.88 19.26 -3.17
N ILE A 166 2.84 17.94 -3.11
CA ILE A 166 4.04 17.13 -3.22
C ILE A 166 3.81 16.05 -4.25
N ILE A 167 4.82 15.80 -5.09
CA ILE A 167 4.76 14.73 -6.06
C ILE A 167 5.65 13.61 -5.56
N HIS A 168 5.18 12.37 -5.63
CA HIS A 168 6.03 11.28 -5.20
C HIS A 168 7.18 11.02 -6.20
N ARG A 169 6.85 10.89 -7.48
CA ARG A 169 7.84 10.71 -8.57
C ARG A 169 8.50 9.33 -8.74
N ASP A 170 8.44 8.46 -7.72
CA ASP A 170 9.11 7.15 -7.81
C ASP A 170 8.24 6.04 -7.22
N LEU A 171 6.95 6.10 -7.50
CA LEU A 171 5.98 5.14 -7.02
C LEU A 171 6.16 3.80 -7.74
N LYS A 172 6.40 2.76 -6.96
CA LYS A 172 6.60 1.44 -7.50
C LYS A 172 6.35 0.46 -6.38
N PRO A 173 6.02 -0.78 -6.74
CA PRO A 173 5.70 -1.88 -5.81
C PRO A 173 6.64 -1.99 -4.62
N SER A 174 7.93 -1.85 -4.87
CA SER A 174 8.92 -1.91 -3.81
C SER A 174 8.84 -0.71 -2.85
N ASN A 175 8.07 0.31 -3.21
CA ASN A 175 7.83 1.48 -2.37
C ASN A 175 6.49 1.40 -1.66
N LEU A 176 5.79 0.29 -1.86
CA LEU A 176 4.50 0.06 -1.26
C LEU A 176 4.63 -1.03 -0.21
N ALA A 177 4.43 -0.66 1.06
CA ALA A 177 4.51 -1.59 2.20
C ALA A 177 3.14 -2.07 2.57
N VAL A 178 3.02 -3.38 2.78
CA VAL A 178 1.73 -3.99 3.17
C VAL A 178 1.90 -4.97 4.33
N ASN A 179 1.10 -4.81 5.37
CA ASN A 179 1.16 -5.76 6.46
C ASN A 179 0.20 -6.95 6.28
N GLU A 180 0.08 -7.79 7.31
CA GLU A 180 -0.76 -8.96 7.18
C GLU A 180 -2.26 -8.63 7.03
N ASP A 181 -2.67 -7.46 7.50
CA ASP A 181 -4.08 -7.07 7.42
C ASP A 181 -4.39 -6.38 6.11
N CYS A 182 -3.45 -6.45 5.17
CA CYS A 182 -3.64 -5.84 3.86
C CYS A 182 -3.67 -4.32 3.91
N GLU A 183 -3.11 -3.75 4.98
CA GLU A 183 -3.02 -2.31 5.09
C GLU A 183 -1.75 -1.93 4.38
N LEU A 184 -1.78 -0.79 3.70
CA LEU A 184 -0.64 -0.36 2.91
C LEU A 184 -0.18 1.06 3.25
N LYS A 185 1.12 1.30 3.08
CA LYS A 185 1.67 2.62 3.28
C LYS A 185 2.59 2.95 2.13
N ILE A 186 2.65 4.23 1.77
CA ILE A 186 3.57 4.65 0.73
C ILE A 186 4.84 5.10 1.40
N LEU A 187 5.98 4.70 0.84
CA LEU A 187 7.26 4.95 1.44
C LEU A 187 8.14 5.84 0.62
N ASP A 188 9.07 6.48 1.34
CA ASP A 188 10.07 7.41 0.84
C ASP A 188 10.14 7.69 -0.65
N PHE A 189 9.75 8.93 -0.92
CA PHE A 189 9.68 9.58 -2.20
C PHE A 189 11.07 9.85 -2.73
N ALA A 204 14.55 -0.41 -12.81
CA ALA A 204 13.26 -0.98 -12.45
C ALA A 204 12.28 0.14 -12.24
N THR A 205 12.78 1.19 -11.60
CA THR A 205 11.99 2.38 -11.36
C THR A 205 11.42 2.89 -12.68
N ARG A 206 12.19 2.71 -13.75
CA ARG A 206 11.78 3.14 -15.07
C ARG A 206 10.49 2.47 -15.59
N TRP A 207 10.17 1.30 -15.04
CA TRP A 207 9.01 0.56 -15.52
C TRP A 207 7.70 1.20 -15.09
N TYR A 208 7.77 2.09 -14.10
CA TYR A 208 6.56 2.69 -13.59
C TYR A 208 6.58 4.19 -13.76
N ARG A 209 7.70 4.73 -14.22
CA ARG A 209 7.80 6.17 -14.46
C ARG A 209 6.87 6.54 -15.59
N ALA A 210 6.25 7.70 -15.47
CA ALA A 210 5.34 8.21 -16.48
C ALA A 210 6.12 8.78 -17.67
N PRO A 211 5.55 8.67 -18.89
CA PRO A 211 6.20 9.15 -20.12
C PRO A 211 6.77 10.58 -20.03
N GLU A 212 5.96 11.53 -19.56
CA GLU A 212 6.40 12.92 -19.44
C GLU A 212 7.72 13.07 -18.69
N ILE A 213 7.82 12.50 -17.51
CA ILE A 213 9.05 12.62 -16.73
C ILE A 213 10.03 11.55 -17.17
N MET A 214 9.66 10.81 -18.21
CA MET A 214 10.48 9.71 -18.72
C MET A 214 11.80 10.17 -19.35
N LEU A 215 11.68 10.86 -20.48
CA LEU A 215 12.85 11.35 -21.22
C LEU A 215 13.44 12.62 -20.60
N ASN A 216 12.79 13.12 -19.55
CA ASN A 216 13.24 14.32 -18.83
C ASN A 216 12.72 15.61 -19.43
N TRP A 217 11.44 15.92 -19.20
CA TRP A 217 10.83 17.14 -19.71
C TRP A 217 10.34 17.94 -18.49
N MET A 218 10.60 19.25 -18.49
CA MET A 218 10.21 20.11 -17.37
C MET A 218 8.73 20.51 -17.39
N HIS A 219 7.85 19.54 -17.65
CA HIS A 219 6.42 19.84 -17.70
C HIS A 219 5.60 18.75 -17.05
N TYR A 220 6.04 18.29 -15.88
CA TYR A 220 5.33 17.24 -15.16
C TYR A 220 4.53 17.79 -13.98
N ASN A 221 3.66 16.96 -13.43
CA ASN A 221 2.87 17.34 -12.27
C ASN A 221 2.36 16.11 -11.48
N GLN A 222 1.59 16.37 -10.44
CA GLN A 222 1.06 15.32 -9.57
C GLN A 222 0.50 14.12 -10.32
N THR A 223 -0.11 14.38 -11.47
CA THR A 223 -0.74 13.34 -12.28
C THR A 223 0.27 12.31 -12.77
N VAL A 224 1.54 12.61 -12.57
CA VAL A 224 2.59 11.70 -12.98
C VAL A 224 2.57 10.44 -12.10
N ASP A 225 2.07 10.56 -10.88
CA ASP A 225 1.99 9.41 -9.97
C ASP A 225 0.84 8.50 -10.34
N ILE A 226 -0.15 9.03 -11.06
CA ILE A 226 -1.31 8.20 -11.41
C ILE A 226 -0.92 7.21 -12.50
N TRP A 227 -0.01 7.61 -13.38
CA TRP A 227 0.46 6.71 -14.41
C TRP A 227 1.03 5.48 -13.71
N SER A 228 1.79 5.73 -12.65
CA SER A 228 2.41 4.67 -11.86
C SER A 228 1.38 3.75 -11.24
N VAL A 229 0.32 4.34 -10.66
CA VAL A 229 -0.69 3.54 -10.00
C VAL A 229 -1.35 2.65 -11.05
N GLY A 230 -1.45 3.18 -12.27
CA GLY A 230 -2.04 2.41 -13.34
C GLY A 230 -1.18 1.22 -13.66
N CYS A 231 0.13 1.44 -13.65
CA CYS A 231 1.07 0.37 -13.99
C CYS A 231 1.03 -0.69 -12.94
N ILE A 232 0.92 -0.23 -11.71
CA ILE A 232 0.86 -1.10 -10.56
C ILE A 232 -0.43 -1.92 -10.56
N MET A 233 -1.55 -1.24 -10.78
CA MET A 233 -2.84 -1.93 -10.81
C MET A 233 -2.82 -3.06 -11.85
N ALA A 234 -2.24 -2.76 -12.99
CA ALA A 234 -2.13 -3.72 -14.08
C ALA A 234 -1.35 -4.94 -13.62
N GLU A 235 -0.30 -4.70 -12.85
CA GLU A 235 0.51 -5.81 -12.34
C GLU A 235 -0.30 -6.65 -11.38
N LEU A 236 -0.97 -5.99 -10.43
CA LEU A 236 -1.81 -6.70 -9.47
C LEU A 236 -2.81 -7.61 -10.21
N LEU A 237 -3.45 -7.05 -11.22
CA LEU A 237 -4.45 -7.75 -12.03
C LEU A 237 -3.93 -8.88 -12.94
N THR A 238 -2.65 -8.91 -13.25
CA THR A 238 -2.14 -9.93 -14.16
C THR A 238 -0.88 -10.64 -13.68
N GLY A 239 -0.27 -10.15 -12.61
CA GLY A 239 0.98 -10.74 -12.15
C GLY A 239 2.14 -10.52 -13.11
N ARG A 240 1.94 -9.70 -14.14
CA ARG A 240 2.98 -9.42 -15.13
C ARG A 240 3.29 -7.93 -15.25
N THR A 241 4.57 -7.59 -15.24
CA THR A 241 4.99 -6.20 -15.45
C THR A 241 4.44 -5.71 -16.80
N LEU A 242 3.80 -4.55 -16.79
CA LEU A 242 3.15 -4.01 -17.99
C LEU A 242 4.14 -3.46 -18.99
N PHE A 243 5.09 -2.64 -18.52
CA PHE A 243 6.09 -2.04 -19.42
C PHE A 243 7.51 -2.33 -18.98
N PRO A 244 7.94 -3.59 -19.15
CA PRO A 244 9.28 -3.98 -18.77
C PRO A 244 10.23 -3.60 -19.91
N GLY A 245 10.54 -2.31 -19.98
CA GLY A 245 11.41 -1.78 -21.01
C GLY A 245 12.88 -1.88 -20.67
N THR A 246 13.68 -2.06 -21.71
CA THR A 246 15.11 -2.11 -21.60
C THR A 246 15.59 -0.77 -22.05
N ASP A 247 15.74 0.16 -21.11
CA ASP A 247 16.57 1.34 -21.33
C ASP A 247 15.78 2.47 -21.98
N HIS A 248 14.46 2.32 -22.01
CA HIS A 248 13.55 3.44 -21.86
C HIS A 248 13.23 4.08 -23.21
N ILE A 249 14.16 3.96 -24.15
CA ILE A 249 13.82 3.89 -25.56
C ILE A 249 12.65 2.95 -25.84
N ASP A 250 12.85 1.65 -25.63
CA ASP A 250 11.79 0.72 -25.89
C ASP A 250 10.70 0.96 -24.87
N GLN A 251 11.10 1.52 -23.73
CA GLN A 251 10.17 1.84 -22.67
C GLN A 251 9.03 2.63 -23.29
N LEU A 252 9.42 3.63 -24.06
CA LEU A 252 8.48 4.49 -24.77
C LEU A 252 7.79 3.72 -25.89
N LYS A 253 8.53 2.82 -26.52
CA LYS A 253 7.97 1.99 -27.58
C LYS A 253 6.88 1.10 -26.99
N LEU A 254 7.21 0.39 -25.92
CA LEU A 254 6.27 -0.47 -25.23
C LEU A 254 5.02 0.30 -24.84
N ILE A 255 5.21 1.49 -24.29
CA ILE A 255 4.08 2.31 -23.88
C ILE A 255 3.23 2.60 -25.09
N LEU A 256 3.83 3.24 -26.09
CA LEU A 256 3.12 3.61 -27.32
C LEU A 256 2.38 2.42 -27.93
N ARG A 257 3.03 1.26 -27.89
CA ARG A 257 2.49 0.01 -28.39
C ARG A 257 1.14 -0.35 -27.76
N LEU A 258 0.84 0.26 -26.62
CA LEU A 258 -0.41 -0.02 -25.93
C LEU A 258 -1.41 1.12 -26.08
N VAL A 259 -1.03 2.30 -25.60
CA VAL A 259 -1.91 3.46 -25.66
C VAL A 259 -2.06 3.99 -27.08
N GLY A 260 -1.08 3.69 -27.92
CA GLY A 260 -1.12 4.15 -29.29
C GLY A 260 -0.26 5.38 -29.50
N THR A 261 0.22 5.54 -30.73
CA THR A 261 1.02 6.70 -31.11
C THR A 261 0.16 7.96 -31.01
N PRO A 262 0.74 9.08 -30.55
CA PRO A 262 0.01 10.33 -30.36
C PRO A 262 -1.00 10.69 -31.44
N GLY A 263 -1.87 11.64 -31.12
CA GLY A 263 -2.87 12.10 -32.04
C GLY A 263 -2.28 13.18 -32.91
N ALA A 264 -3.11 14.13 -33.34
CA ALA A 264 -2.65 15.22 -34.18
C ALA A 264 -2.24 16.42 -33.32
N GLU A 265 -3.05 16.72 -32.32
CA GLU A 265 -2.79 17.82 -31.41
C GLU A 265 -2.03 17.32 -30.19
N LEU A 266 -2.36 16.10 -29.78
CA LEU A 266 -1.71 15.47 -28.62
C LEU A 266 -0.21 15.55 -28.77
N LEU A 267 0.27 15.26 -29.99
CA LEU A 267 1.68 15.32 -30.26
C LEU A 267 2.17 16.74 -30.06
N LYS A 268 1.32 17.69 -30.44
CA LYS A 268 1.62 19.08 -30.23
C LYS A 268 1.29 19.48 -28.81
N LYS A 269 1.45 18.54 -27.90
CA LYS A 269 1.20 18.83 -26.50
C LYS A 269 2.40 18.40 -25.71
N ILE A 270 3.56 18.31 -26.33
CA ILE A 270 4.72 17.75 -25.65
C ILE A 270 5.97 18.60 -25.62
N SER A 271 7.07 18.03 -25.15
CA SER A 271 8.32 18.76 -25.05
C SER A 271 9.50 17.99 -25.64
N SER A 272 10.68 18.58 -25.51
CA SER A 272 11.93 17.99 -25.98
C SER A 272 12.02 18.20 -27.48
N GLU A 273 13.19 17.88 -28.02
CA GLU A 273 13.47 17.99 -29.44
C GLU A 273 13.41 16.52 -29.78
N SER A 274 14.43 15.80 -29.32
CA SER A 274 14.52 14.37 -29.53
C SER A 274 13.16 13.68 -29.35
N ALA A 275 12.65 13.68 -28.13
CA ALA A 275 11.37 13.04 -27.83
C ALA A 275 10.39 13.23 -28.99
N ARG A 276 10.20 14.49 -29.37
CA ARG A 276 9.27 14.85 -30.43
C ARG A 276 9.53 14.06 -31.71
N ASN A 277 10.79 14.01 -32.12
CA ASN A 277 11.15 13.34 -33.36
C ASN A 277 10.95 11.84 -33.31
N TYR A 278 11.47 11.21 -32.27
CA TYR A 278 11.37 9.76 -32.11
C TYR A 278 9.95 9.28 -32.45
N ILE A 279 8.95 9.83 -31.76
CA ILE A 279 7.57 9.39 -32.00
C ILE A 279 7.19 9.43 -33.49
N GLN A 280 7.52 10.53 -34.17
CA GLN A 280 7.21 10.64 -35.60
C GLN A 280 8.08 9.66 -36.36
N SER A 281 9.28 9.44 -35.84
CA SER A 281 10.23 8.48 -36.40
C SER A 281 9.73 7.03 -36.28
N LEU A 282 8.65 6.84 -35.55
CA LEU A 282 8.08 5.51 -35.33
C LEU A 282 6.89 5.27 -36.23
N ALA A 283 6.56 3.99 -36.41
CA ALA A 283 5.44 3.60 -37.24
C ALA A 283 4.15 3.74 -36.45
N GLN A 284 3.28 4.64 -36.90
CA GLN A 284 2.00 4.89 -36.24
C GLN A 284 1.27 3.61 -35.82
N MET A 285 1.08 3.48 -34.50
CA MET A 285 0.40 2.34 -33.92
C MET A 285 -0.96 2.78 -33.37
N PRO A 286 -1.96 1.90 -33.45
CA PRO A 286 -3.28 2.26 -32.96
C PRO A 286 -3.45 1.87 -31.48
N LYS A 287 -4.28 2.63 -30.78
CA LYS A 287 -4.54 2.36 -29.39
C LYS A 287 -5.23 1.00 -29.27
N MET A 288 -4.77 0.16 -28.36
CA MET A 288 -5.38 -1.15 -28.13
C MET A 288 -6.61 -0.99 -27.26
N ASN A 289 -7.51 -1.96 -27.31
CA ASN A 289 -8.67 -1.91 -26.44
C ASN A 289 -8.37 -2.73 -25.22
N PHE A 290 -8.10 -2.04 -24.12
CA PHE A 290 -7.73 -2.68 -22.88
C PHE A 290 -8.55 -3.93 -22.56
N ALA A 291 -9.81 -3.96 -23.03
CA ALA A 291 -10.67 -5.11 -22.80
C ALA A 291 -10.10 -6.41 -23.37
N ASN A 292 -9.17 -6.26 -24.31
CA ASN A 292 -8.55 -7.41 -24.93
C ASN A 292 -7.21 -7.70 -24.31
N VAL A 293 -6.62 -6.68 -23.70
CA VAL A 293 -5.33 -6.83 -23.06
C VAL A 293 -5.52 -7.48 -21.68
N PHE A 294 -6.52 -7.01 -20.96
CA PHE A 294 -6.80 -7.50 -19.61
C PHE A 294 -8.01 -8.43 -19.60
N ILE A 295 -7.91 -9.51 -20.37
CA ILE A 295 -8.97 -10.49 -20.52
C ILE A 295 -9.44 -11.06 -19.17
N GLY A 296 -10.76 -11.14 -19.01
CA GLY A 296 -11.34 -11.72 -17.81
C GLY A 296 -11.21 -10.86 -16.57
N ALA A 297 -10.73 -9.63 -16.75
CA ALA A 297 -10.57 -8.72 -15.63
C ALA A 297 -11.86 -7.94 -15.39
N ASN A 298 -12.07 -7.51 -14.17
CA ASN A 298 -13.23 -6.72 -13.81
C ASN A 298 -13.32 -5.48 -14.71
N PRO A 299 -14.43 -5.36 -15.47
CA PRO A 299 -14.77 -4.28 -16.41
C PRO A 299 -14.55 -2.87 -15.86
N LEU A 300 -14.92 -2.65 -14.60
CA LEU A 300 -14.73 -1.36 -13.95
C LEU A 300 -13.25 -1.07 -13.73
N ALA A 301 -12.46 -2.14 -13.63
CA ALA A 301 -11.01 -2.02 -13.47
C ALA A 301 -10.38 -1.47 -14.76
N VAL A 302 -10.65 -2.16 -15.85
CA VAL A 302 -10.09 -1.80 -17.13
C VAL A 302 -10.54 -0.41 -17.56
N ASP A 303 -11.70 0.02 -17.07
CA ASP A 303 -12.18 1.35 -17.37
C ASP A 303 -11.32 2.35 -16.61
N LEU A 304 -11.03 2.04 -15.36
CA LEU A 304 -10.19 2.90 -14.54
C LEU A 304 -8.79 3.03 -15.16
N LEU A 305 -8.19 1.89 -15.52
CA LEU A 305 -6.88 1.88 -16.17
C LEU A 305 -6.95 2.75 -17.42
N GLU A 306 -8.08 2.66 -18.12
CA GLU A 306 -8.31 3.43 -19.32
C GLU A 306 -8.17 4.90 -19.01
N LYS A 307 -8.49 5.27 -17.78
CA LYS A 307 -8.40 6.67 -17.37
C LYS A 307 -7.04 7.09 -16.78
N MET A 308 -6.22 6.12 -16.38
CA MET A 308 -4.94 6.45 -15.77
C MET A 308 -3.80 6.36 -16.76
N LEU A 309 -3.84 5.32 -17.57
CA LEU A 309 -2.82 5.08 -18.58
C LEU A 309 -3.09 5.87 -19.84
N VAL A 310 -3.25 7.17 -19.65
CA VAL A 310 -3.53 8.10 -20.72
C VAL A 310 -2.25 8.86 -20.92
N LEU A 311 -1.86 9.05 -22.18
CA LEU A 311 -0.60 9.71 -22.49
C LEU A 311 -0.61 11.22 -22.23
N ASP A 312 -1.77 11.84 -22.44
CA ASP A 312 -1.90 13.26 -22.18
C ASP A 312 -2.18 13.49 -20.71
N SER A 313 -1.12 13.81 -19.96
CA SER A 313 -1.23 14.01 -18.52
C SER A 313 -2.34 14.97 -18.13
N ASP A 314 -2.82 15.76 -19.09
CA ASP A 314 -3.88 16.71 -18.79
C ASP A 314 -5.25 16.04 -18.87
N LYS A 315 -5.27 14.83 -19.42
CA LYS A 315 -6.49 14.06 -19.53
C LYS A 315 -6.52 12.99 -18.44
N ARG A 316 -5.35 12.74 -17.87
CA ARG A 316 -5.19 11.71 -16.84
C ARG A 316 -6.00 12.05 -15.60
N ILE A 317 -6.79 11.08 -15.13
CA ILE A 317 -7.61 11.24 -13.90
C ILE A 317 -6.79 11.58 -12.63
N THR A 318 -7.36 12.33 -11.70
CA THR A 318 -6.63 12.66 -10.47
C THR A 318 -6.83 11.59 -9.41
N ALA A 319 -6.09 11.69 -8.30
CA ALA A 319 -6.26 10.72 -7.22
C ALA A 319 -7.67 10.85 -6.67
N ALA A 320 -8.05 12.09 -6.38
CA ALA A 320 -9.38 12.40 -5.86
C ALA A 320 -10.47 11.83 -6.78
N GLN A 321 -10.35 12.12 -8.07
CA GLN A 321 -11.31 11.65 -9.05
C GLN A 321 -11.32 10.12 -9.15
N ALA A 322 -10.17 9.50 -8.98
CA ALA A 322 -10.07 8.06 -9.09
C ALA A 322 -10.76 7.40 -7.89
N LEU A 323 -10.62 8.05 -6.75
CA LEU A 323 -11.26 7.58 -5.53
C LEU A 323 -12.77 7.37 -5.74
N ALA A 324 -13.38 8.25 -6.51
CA ALA A 324 -14.83 8.22 -6.78
C ALA A 324 -15.26 7.27 -7.89
N HIS A 325 -14.31 6.79 -8.69
CA HIS A 325 -14.66 5.88 -9.75
C HIS A 325 -15.43 4.71 -9.17
N ALA A 326 -16.32 4.16 -9.98
CA ALA A 326 -17.17 3.04 -9.58
C ALA A 326 -16.40 1.81 -9.09
N TYR A 327 -15.11 1.75 -9.39
CA TYR A 327 -14.30 0.62 -8.97
C TYR A 327 -14.13 0.57 -7.45
N PHE A 328 -14.29 1.70 -6.78
CA PHE A 328 -14.10 1.76 -5.33
C PHE A 328 -15.38 1.98 -4.54
N ALA A 329 -16.51 1.74 -5.18
CA ALA A 329 -17.84 1.93 -4.59
C ALA A 329 -17.92 1.63 -3.09
N GLN A 330 -17.83 0.35 -2.75
CA GLN A 330 -17.92 -0.11 -1.37
C GLN A 330 -16.95 0.59 -0.40
N TYR A 331 -15.86 1.13 -0.91
CA TYR A 331 -14.85 1.76 -0.07
C TYR A 331 -14.85 3.30 -0.13
N HIS A 332 -15.41 3.88 -1.17
CA HIS A 332 -15.38 5.34 -1.24
C HIS A 332 -16.18 6.07 -0.14
N ASP A 333 -15.46 6.79 0.73
CA ASP A 333 -16.08 7.61 1.76
C ASP A 333 -15.37 8.96 1.84
N PRO A 334 -15.93 9.98 1.17
CA PRO A 334 -15.33 11.31 1.09
C PRO A 334 -14.96 11.88 2.46
N ASP A 335 -15.74 11.55 3.47
CA ASP A 335 -15.49 12.06 4.81
C ASP A 335 -14.30 11.34 5.45
N ASP A 336 -13.96 10.19 4.89
CA ASP A 336 -12.87 9.38 5.42
C ASP A 336 -11.66 9.40 4.47
N GLU A 337 -11.42 10.53 3.81
CA GLU A 337 -10.30 10.65 2.89
C GLU A 337 -9.62 12.01 3.02
N PRO A 338 -8.94 12.23 4.15
CA PRO A 338 -8.26 13.46 4.59
C PRO A 338 -7.26 14.05 3.61
N VAL A 339 -6.92 15.30 3.86
CA VAL A 339 -5.94 16.00 3.07
C VAL A 339 -4.91 16.59 4.03
N ALA A 340 -3.73 16.90 3.51
CA ALA A 340 -2.69 17.45 4.33
C ALA A 340 -2.86 18.95 4.43
N ASP A 341 -1.92 19.58 5.11
CA ASP A 341 -1.88 21.02 5.23
C ASP A 341 -0.77 21.40 4.30
N PRO A 342 -0.74 22.65 3.81
CA PRO A 342 0.34 22.99 2.88
C PRO A 342 1.69 22.57 3.44
N TYR A 343 2.66 22.35 2.55
CA TYR A 343 4.00 21.95 2.96
C TYR A 343 4.98 23.03 2.53
N ASP A 344 5.75 23.58 3.48
CA ASP A 344 6.71 24.64 3.18
C ASP A 344 7.95 24.10 2.46
N GLN A 345 7.93 24.14 1.14
CA GLN A 345 9.07 23.69 0.36
C GLN A 345 10.04 24.85 0.17
N SER A 346 9.75 25.97 0.86
CA SER A 346 10.55 27.20 0.75
C SER A 346 12.04 26.97 0.95
N PHE A 347 12.40 26.31 2.04
CA PHE A 347 13.80 26.04 2.36
C PHE A 347 14.54 25.54 1.09
N GLU A 348 13.81 24.78 0.27
CA GLU A 348 14.36 24.16 -0.94
C GLU A 348 15.17 25.16 -1.76
N SER A 349 14.61 26.34 -1.99
CA SER A 349 15.24 27.37 -2.78
C SER A 349 16.60 27.80 -2.22
N ARG A 350 16.62 28.19 -0.95
CA ARG A 350 17.85 28.66 -0.30
C ARG A 350 19.05 27.74 -0.46
N ASP A 351 20.23 28.34 -0.45
CA ASP A 351 21.50 27.61 -0.56
C ASP A 351 22.28 27.98 0.69
N LEU A 352 22.66 26.97 1.46
CA LEU A 352 23.37 27.23 2.72
C LEU A 352 24.63 26.38 2.83
N LEU A 353 25.26 26.39 4.00
CA LEU A 353 26.46 25.59 4.24
C LEU A 353 26.17 24.51 5.27
N ILE A 354 26.98 23.46 5.26
CA ILE A 354 26.83 22.34 6.19
C ILE A 354 26.43 22.77 7.61
N ASP A 355 27.06 23.82 8.12
CA ASP A 355 26.76 24.30 9.45
C ASP A 355 25.28 24.63 9.60
N GLU A 356 24.76 25.38 8.62
CA GLU A 356 23.38 25.80 8.60
C GLU A 356 22.44 24.58 8.55
N TRP A 357 22.45 23.89 7.42
CA TRP A 357 21.63 22.71 7.21
C TRP A 357 21.67 21.77 8.42
N LYS A 358 22.87 21.56 8.95
CA LYS A 358 23.07 20.67 10.09
C LYS A 358 22.27 21.12 11.30
N SER A 359 22.43 22.38 11.67
CA SER A 359 21.70 22.92 12.79
C SER A 359 20.21 22.86 12.50
N LEU A 360 19.85 23.35 11.31
CA LEU A 360 18.46 23.35 10.86
C LEU A 360 17.83 21.99 11.09
N THR A 361 18.65 20.95 10.94
CA THR A 361 18.21 19.58 11.16
C THR A 361 18.06 19.26 12.65
N TYR A 362 19.00 19.73 13.46
CA TYR A 362 18.95 19.53 14.90
C TYR A 362 17.66 20.13 15.41
N ASP A 363 17.28 21.27 14.83
CA ASP A 363 16.06 21.98 15.21
C ASP A 363 14.85 21.06 15.05
N GLU A 364 14.75 20.45 13.89
CA GLU A 364 13.65 19.54 13.60
C GLU A 364 13.70 18.36 14.54
N VAL A 365 14.90 17.87 14.81
CA VAL A 365 15.08 16.70 15.67
C VAL A 365 14.60 16.96 17.09
N ILE A 366 14.69 18.22 17.51
CA ILE A 366 14.28 18.61 18.86
C ILE A 366 12.82 19.05 18.93
N SER A 367 12.36 19.74 17.90
CA SER A 367 10.98 20.21 17.86
C SER A 367 10.00 19.10 17.48
N PHE A 368 10.41 17.86 17.74
CA PHE A 368 9.62 16.71 17.39
C PHE A 368 8.58 16.35 18.43
N VAL A 369 7.32 16.29 18.01
CA VAL A 369 6.23 15.90 18.90
C VAL A 369 5.70 14.52 18.57
N PRO A 370 6.00 13.53 19.42
CA PRO A 370 5.56 12.16 19.19
C PRO A 370 4.08 12.11 18.91
N PRO A 371 3.60 11.05 18.27
CA PRO A 371 2.17 10.94 18.03
C PRO A 371 1.65 10.21 19.22
N PRO A 372 0.34 10.04 19.30
CA PRO A 372 -0.26 9.53 20.52
C PRO A 372 -1.00 8.23 20.33
N LYS B 11 -24.76 -21.27 16.89
CA LYS B 11 -23.42 -20.73 17.07
C LYS B 11 -22.30 -21.56 16.43
N ILE B 12 -21.93 -22.68 17.06
CA ILE B 12 -20.79 -23.48 16.59
C ILE B 12 -21.12 -24.78 15.85
N ILE B 13 -20.43 -25.05 14.74
CA ILE B 13 -20.59 -26.27 13.94
C ILE B 13 -19.30 -27.07 14.02
N TYR B 14 -19.33 -28.31 13.56
CA TYR B 14 -18.15 -29.18 13.59
C TYR B 14 -17.60 -29.45 12.19
N PRO B 15 -16.27 -29.61 12.09
CA PRO B 15 -15.60 -29.85 10.81
C PRO B 15 -16.30 -30.93 9.98
N ASN B 16 -16.81 -31.93 10.67
CA ASN B 16 -17.49 -33.04 10.03
C ASN B 16 -18.80 -32.59 9.43
N ASP B 17 -19.62 -31.92 10.23
CA ASP B 17 -20.92 -31.43 9.78
C ASP B 17 -20.79 -30.54 8.53
N LEU B 18 -19.73 -29.75 8.50
CA LEU B 18 -19.49 -28.85 7.37
C LEU B 18 -19.15 -29.66 6.13
N ALA B 19 -18.32 -30.68 6.30
CA ALA B 19 -17.91 -31.53 5.19
C ALA B 19 -19.13 -31.98 4.40
N LYS B 20 -20.06 -32.65 5.08
CA LYS B 20 -21.29 -33.11 4.44
C LYS B 20 -22.17 -31.94 4.02
N LYS B 21 -22.36 -30.99 4.94
CA LYS B 21 -23.15 -29.80 4.64
C LYS B 21 -22.76 -29.25 3.28
N MET B 22 -21.50 -29.47 2.93
CA MET B 22 -20.92 -28.92 1.71
C MET B 22 -21.35 -29.54 0.39
N THR B 23 -21.50 -30.87 0.35
CA THR B 23 -21.74 -31.55 -0.93
C THR B 23 -23.18 -31.59 -1.42
N LYS B 24 -23.45 -30.76 -2.41
CA LYS B 24 -24.77 -30.58 -2.95
C LYS B 24 -24.65 -29.44 -3.95
N PRO B 35 -24.17 -23.79 1.11
CA PRO B 35 -24.03 -22.87 2.24
C PRO B 35 -22.91 -21.89 1.98
N VAL B 36 -23.09 -20.66 2.43
CA VAL B 36 -22.06 -19.64 2.27
C VAL B 36 -20.99 -19.78 3.33
N ILE B 37 -19.73 -19.83 2.91
CA ILE B 37 -18.62 -19.93 3.83
C ILE B 37 -17.74 -18.70 3.79
N ILE B 38 -17.56 -18.09 4.95
CA ILE B 38 -16.73 -16.89 5.05
C ILE B 38 -15.39 -17.21 5.73
N ASP B 39 -14.30 -16.78 5.11
CA ASP B 39 -12.97 -16.93 5.69
C ASP B 39 -12.49 -15.57 6.16
N CYS B 40 -12.20 -15.43 7.44
CA CYS B 40 -11.76 -14.14 7.96
C CYS B 40 -10.31 -14.18 8.46
N ARG B 41 -9.52 -15.08 7.88
CA ARG B 41 -8.09 -15.11 8.11
C ARG B 41 -7.42 -14.04 7.26
N PRO B 42 -6.14 -13.74 7.50
CA PRO B 42 -5.38 -12.75 6.72
C PRO B 42 -5.33 -13.05 5.22
N PHE B 43 -5.52 -12.02 4.40
CA PHE B 43 -5.60 -12.20 2.94
C PHE B 43 -4.54 -13.09 2.32
N MET B 44 -3.30 -12.95 2.77
CA MET B 44 -2.26 -13.78 2.20
C MET B 44 -2.43 -15.25 2.62
N GLU B 45 -2.96 -15.47 3.80
CA GLU B 45 -3.22 -16.82 4.26
C GLU B 45 -4.39 -17.39 3.46
N TYR B 46 -5.39 -16.54 3.24
CA TYR B 46 -6.53 -16.94 2.44
C TYR B 46 -6.12 -17.33 1.01
N ASN B 47 -5.22 -16.55 0.43
CA ASN B 47 -4.76 -16.84 -0.93
C ASN B 47 -3.87 -18.08 -0.98
N LYS B 48 -3.18 -18.38 0.11
CA LYS B 48 -2.36 -19.59 0.16
C LYS B 48 -3.26 -20.84 0.13
N SER B 49 -4.41 -20.72 0.78
CA SER B 49 -5.36 -21.82 0.82
C SER B 49 -6.60 -21.49 1.64
N HIS B 50 -7.73 -21.92 1.13
CA HIS B 50 -8.99 -21.71 1.79
C HIS B 50 -9.93 -22.87 1.47
N ILE B 51 -10.91 -23.09 2.33
CA ILE B 51 -11.91 -24.13 2.12
C ILE B 51 -12.63 -23.82 0.82
N GLN B 52 -12.59 -24.76 -0.12
CA GLN B 52 -13.24 -24.55 -1.41
C GLN B 52 -14.55 -23.78 -1.27
N GLY B 53 -14.75 -22.81 -2.15
CA GLY B 53 -15.97 -22.02 -2.14
C GLY B 53 -15.97 -20.94 -1.08
N ALA B 54 -15.00 -21.00 -0.17
CA ALA B 54 -14.96 -20.00 0.88
C ALA B 54 -14.74 -18.64 0.25
N VAL B 55 -15.41 -17.64 0.80
CA VAL B 55 -15.27 -16.28 0.34
C VAL B 55 -14.50 -15.52 1.44
N HIS B 56 -13.55 -14.67 1.03
CA HIS B 56 -12.71 -13.91 1.95
C HIS B 56 -13.29 -12.56 2.32
N ILE B 57 -12.92 -12.04 3.50
CA ILE B 57 -13.45 -10.78 4.00
C ILE B 57 -12.37 -10.02 4.78
N ASN B 58 -12.11 -8.78 4.36
CA ASN B 58 -11.14 -7.91 5.03
C ASN B 58 -11.90 -7.09 6.04
N CYS B 59 -11.58 -7.27 7.32
CA CYS B 59 -12.36 -6.63 8.37
C CYS B 59 -11.55 -6.13 9.56
N ALA B 60 -10.39 -6.74 9.81
CA ALA B 60 -9.56 -6.40 10.96
C ALA B 60 -8.83 -5.06 10.85
N ASP B 61 -8.48 -4.65 9.64
CA ASP B 61 -7.73 -3.40 9.45
C ASP B 61 -8.54 -2.17 9.90
N LYS B 62 -7.84 -1.07 10.13
CA LYS B 62 -8.46 0.16 10.61
C LYS B 62 -9.67 0.61 9.79
N ILE B 63 -9.46 0.79 8.49
CA ILE B 63 -10.52 1.27 7.60
C ILE B 63 -11.76 0.39 7.65
N SER B 64 -11.56 -0.92 7.62
CA SER B 64 -12.66 -1.86 7.68
C SER B 64 -13.42 -1.72 9.00
N ARG B 65 -12.72 -1.93 10.11
CA ARG B 65 -13.34 -1.79 11.42
C ARG B 65 -14.10 -0.47 11.48
N ARG B 66 -13.41 0.62 11.20
CA ARG B 66 -14.05 1.92 11.27
C ARG B 66 -15.40 1.89 10.54
N ARG B 67 -15.37 1.96 9.23
CA ARG B 67 -16.58 1.95 8.42
C ARG B 67 -17.63 0.90 8.81
N LEU B 68 -17.22 -0.12 9.56
CA LEU B 68 -18.16 -1.12 10.02
C LEU B 68 -18.84 -0.59 11.28
N GLN B 69 -18.03 -0.04 12.17
CA GLN B 69 -18.51 0.56 13.40
C GLN B 69 -19.18 1.89 13.07
N GLN B 70 -19.66 2.00 11.84
CA GLN B 70 -20.31 3.23 11.39
C GLN B 70 -21.37 2.96 10.34
N GLY B 71 -21.71 1.69 10.15
CA GLY B 71 -22.71 1.31 9.16
C GLY B 71 -22.35 1.72 7.74
N LYS B 72 -21.26 2.48 7.58
CA LYS B 72 -20.82 2.89 6.26
C LYS B 72 -20.96 1.69 5.34
N ILE B 73 -20.63 0.53 5.89
CA ILE B 73 -20.74 -0.73 5.18
C ILE B 73 -20.98 -1.83 6.21
N THR B 74 -21.26 -3.05 5.74
CA THR B 74 -21.49 -4.18 6.62
C THR B 74 -21.07 -5.44 5.88
N VAL B 75 -20.60 -6.45 6.60
CA VAL B 75 -20.12 -7.69 5.98
C VAL B 75 -21.06 -8.24 4.92
N LEU B 76 -22.25 -8.63 5.34
CA LEU B 76 -23.23 -9.21 4.42
C LEU B 76 -23.35 -8.34 3.18
N ASP B 77 -23.42 -7.04 3.38
CA ASP B 77 -23.52 -6.10 2.26
C ASP B 77 -22.35 -6.32 1.30
N LEU B 78 -21.14 -6.24 1.83
CA LEU B 78 -19.92 -6.44 1.05
C LEU B 78 -19.99 -7.63 0.11
N ILE B 79 -19.95 -8.83 0.68
CA ILE B 79 -19.96 -10.07 -0.11
C ILE B 79 -21.14 -10.22 -1.10
N SER B 80 -21.95 -9.18 -1.24
CA SER B 80 -23.07 -9.22 -2.15
C SER B 80 -22.69 -8.58 -3.48
N CYS B 81 -21.52 -8.94 -3.99
CA CYS B 81 -21.02 -8.37 -5.24
C CYS B 81 -20.19 -9.37 -6.04
N ARG B 82 -20.79 -10.52 -6.35
CA ARG B 82 -20.13 -11.58 -7.10
C ARG B 82 -21.17 -12.32 -7.91
N GLU B 83 -22.08 -11.56 -8.52
CA GLU B 83 -23.20 -12.13 -9.28
C GLU B 83 -23.13 -11.74 -10.76
N GLY B 84 -24.26 -11.83 -11.45
CA GLY B 84 -24.33 -11.51 -12.87
C GLY B 84 -25.70 -11.05 -13.32
N LYS B 85 -26.72 -11.38 -12.54
CA LYS B 85 -28.09 -11.00 -12.85
C LYS B 85 -28.86 -10.60 -11.58
N ASP B 86 -28.65 -11.38 -10.52
CA ASP B 86 -29.29 -11.13 -9.22
C ASP B 86 -28.23 -11.21 -8.12
N SER B 87 -28.10 -10.14 -7.34
CA SER B 87 -27.07 -10.08 -6.29
C SER B 87 -27.57 -10.28 -4.86
N PHE B 88 -27.98 -11.51 -4.54
CA PHE B 88 -28.44 -11.86 -3.19
C PHE B 88 -28.83 -13.32 -3.12
N LYS B 89 -29.29 -13.86 -4.24
CA LYS B 89 -29.67 -15.27 -4.30
C LYS B 89 -28.41 -16.12 -4.14
N ARG B 90 -28.51 -17.15 -3.29
CA ARG B 90 -27.38 -18.02 -2.98
C ARG B 90 -26.54 -17.36 -1.88
N ILE B 91 -26.72 -16.06 -1.73
CA ILE B 91 -26.03 -15.29 -0.68
C ILE B 91 -26.75 -15.51 0.65
N PHE B 92 -27.80 -14.73 0.88
CA PHE B 92 -28.59 -14.89 2.09
C PHE B 92 -29.68 -15.93 1.83
N SER B 93 -29.42 -16.79 0.84
CA SER B 93 -30.34 -17.86 0.46
C SER B 93 -29.79 -19.18 0.99
N LYS B 94 -28.92 -19.07 1.98
CA LYS B 94 -28.28 -20.22 2.60
C LYS B 94 -27.82 -19.83 3.99
N GLU B 95 -27.56 -20.84 4.82
CA GLU B 95 -27.01 -20.59 6.15
C GLU B 95 -25.62 -20.04 5.91
N ILE B 96 -25.10 -19.28 6.87
CA ILE B 96 -23.76 -18.71 6.72
C ILE B 96 -22.77 -19.37 7.67
N ILE B 97 -21.73 -19.96 7.11
CA ILE B 97 -20.67 -20.55 7.93
C ILE B 97 -19.54 -19.55 7.99
N VAL B 98 -18.87 -19.49 9.14
CA VAL B 98 -17.76 -18.57 9.30
C VAL B 98 -16.61 -19.27 9.97
N TYR B 99 -15.40 -19.02 9.51
CA TYR B 99 -14.23 -19.65 10.08
C TYR B 99 -12.98 -18.81 10.01
N ASP B 100 -12.09 -19.09 10.95
CA ASP B 100 -10.83 -18.42 11.02
C ASP B 100 -9.77 -19.49 10.97
N GLU B 101 -8.56 -19.15 11.38
CA GLU B 101 -7.49 -20.12 11.35
C GLU B 101 -7.70 -21.30 12.31
N ASN B 102 -8.09 -21.04 13.55
CA ASN B 102 -8.15 -22.15 14.50
C ASN B 102 -8.96 -21.99 15.78
N THR B 103 -9.65 -20.86 15.94
CA THR B 103 -10.43 -20.65 17.16
C THR B 103 -11.28 -21.87 17.52
N ASN B 104 -10.87 -22.55 18.60
CA ASN B 104 -11.53 -23.75 19.05
C ASN B 104 -12.77 -23.43 19.88
N GLU B 105 -12.65 -22.47 20.79
CA GLU B 105 -13.76 -22.11 21.66
C GLU B 105 -14.30 -20.73 21.30
N PRO B 106 -15.05 -20.64 20.19
CA PRO B 106 -15.62 -19.39 19.65
C PRO B 106 -16.33 -18.56 20.71
N SER B 107 -17.06 -19.23 21.60
CA SER B 107 -17.78 -18.58 22.69
C SER B 107 -16.99 -17.42 23.27
N ARG B 108 -15.67 -17.60 23.35
CA ARG B 108 -14.79 -16.58 23.90
C ARG B 108 -13.88 -16.07 22.80
N VAL B 109 -14.19 -14.89 22.27
CA VAL B 109 -13.40 -14.29 21.21
C VAL B 109 -13.32 -12.78 21.40
N MET B 110 -12.11 -12.27 21.61
CA MET B 110 -11.89 -10.85 21.83
C MET B 110 -12.54 -9.96 20.77
N PRO B 111 -12.88 -8.72 21.13
CA PRO B 111 -13.52 -7.78 20.23
C PRO B 111 -12.64 -7.32 19.07
N SER B 112 -11.35 -7.63 19.11
CA SER B 112 -10.43 -7.25 18.05
C SER B 112 -10.31 -8.34 16.99
N GLN B 113 -10.40 -9.58 17.44
CA GLN B 113 -10.30 -10.71 16.53
C GLN B 113 -11.27 -10.55 15.38
N PRO B 114 -10.82 -10.88 14.15
CA PRO B 114 -11.73 -10.79 13.00
C PRO B 114 -13.02 -11.56 13.21
N LEU B 115 -12.94 -12.73 13.83
CA LEU B 115 -14.12 -13.53 14.10
C LEU B 115 -15.20 -12.73 14.80
N HIS B 116 -14.78 -11.93 15.77
CA HIS B 116 -15.73 -11.16 16.54
C HIS B 116 -16.42 -10.14 15.64
N ILE B 117 -15.63 -9.43 14.84
CA ILE B 117 -16.12 -8.36 13.98
C ILE B 117 -17.19 -8.84 13.01
N VAL B 118 -16.93 -9.97 12.38
CA VAL B 118 -17.85 -10.50 11.41
C VAL B 118 -19.17 -10.84 12.09
N LEU B 119 -19.09 -11.74 13.07
CA LEU B 119 -20.25 -12.20 13.85
C LEU B 119 -21.14 -11.08 14.37
N GLU B 120 -20.52 -10.02 14.86
CA GLU B 120 -21.28 -8.89 15.36
C GLU B 120 -21.99 -8.19 14.22
N SER B 121 -21.30 -8.05 13.09
CA SER B 121 -21.86 -7.37 11.93
C SER B 121 -22.99 -8.16 11.26
N LEU B 122 -22.81 -9.48 11.15
CA LEU B 122 -23.84 -10.31 10.57
C LEU B 122 -25.06 -10.39 11.50
N LYS B 123 -24.80 -10.63 12.78
CA LYS B 123 -25.86 -10.68 13.79
C LYS B 123 -26.60 -9.36 13.84
N ARG B 124 -25.88 -8.28 13.53
CA ARG B 124 -26.47 -6.94 13.53
C ARG B 124 -27.39 -6.73 12.34
N GLU B 125 -27.35 -7.67 11.40
CA GLU B 125 -28.20 -7.61 10.22
C GLU B 125 -29.24 -8.72 10.30
N GLY B 126 -29.53 -9.14 11.53
CA GLY B 126 -30.50 -10.18 11.77
C GLY B 126 -30.17 -11.49 11.09
N LYS B 127 -28.89 -11.88 11.16
CA LYS B 127 -28.45 -13.12 10.54
C LYS B 127 -27.76 -13.96 11.57
N GLU B 128 -28.15 -15.22 11.66
CA GLU B 128 -27.57 -16.18 12.59
C GLU B 128 -26.46 -16.97 11.92
N PRO B 129 -25.19 -16.58 12.15
CA PRO B 129 -24.08 -17.30 11.53
C PRO B 129 -23.66 -18.53 12.34
N LEU B 130 -22.87 -19.39 11.72
CA LEU B 130 -22.38 -20.58 12.38
C LEU B 130 -20.88 -20.59 12.24
N VAL B 131 -20.19 -20.69 13.37
CA VAL B 131 -18.74 -20.70 13.39
C VAL B 131 -18.21 -22.12 13.38
N LEU B 132 -17.26 -22.38 12.48
CA LEU B 132 -16.61 -23.68 12.40
C LEU B 132 -15.61 -23.84 13.54
N LYS B 133 -15.85 -24.78 14.44
CA LYS B 133 -14.94 -24.97 15.56
C LYS B 133 -13.54 -25.35 15.07
N GLY B 134 -12.52 -24.73 15.63
CA GLY B 134 -11.14 -25.03 15.25
C GLY B 134 -10.73 -24.50 13.89
N GLY B 135 -11.52 -23.57 13.36
CA GLY B 135 -11.23 -22.97 12.06
C GLY B 135 -10.72 -23.90 10.98
N LEU B 136 -9.90 -23.35 10.08
CA LEU B 136 -9.33 -24.11 8.96
C LEU B 136 -8.33 -25.16 9.43
N SER B 137 -7.55 -24.82 10.45
CA SER B 137 -6.54 -25.74 10.94
C SER B 137 -7.13 -27.10 11.29
N SER B 138 -8.30 -27.09 11.93
CA SER B 138 -9.00 -28.33 12.29
C SER B 138 -9.49 -29.01 11.03
N PHE B 139 -10.35 -28.31 10.31
CA PHE B 139 -10.94 -28.79 9.07
C PHE B 139 -9.96 -29.49 8.12
N LYS B 140 -8.66 -29.31 8.34
CA LYS B 140 -7.67 -29.92 7.47
C LYS B 140 -7.17 -31.27 7.98
N GLN B 141 -7.67 -31.71 9.12
CA GLN B 141 -7.27 -32.99 9.68
C GLN B 141 -7.62 -34.13 8.74
N ASN B 142 -8.86 -34.09 8.25
CA ASN B 142 -9.34 -35.09 7.32
C ASN B 142 -10.30 -34.47 6.31
N HIS B 143 -9.89 -33.38 5.68
CA HIS B 143 -10.72 -32.71 4.70
C HIS B 143 -9.88 -31.92 3.69
N GLU B 144 -8.59 -32.24 3.61
CA GLU B 144 -7.68 -31.54 2.70
C GLU B 144 -8.19 -31.52 1.27
N ASN B 145 -9.03 -32.50 0.92
CA ASN B 145 -9.58 -32.60 -0.43
C ASN B 145 -10.68 -31.58 -0.69
N LEU B 146 -11.09 -30.89 0.38
CA LEU B 146 -12.12 -29.86 0.31
C LEU B 146 -11.52 -28.46 0.38
N CYS B 147 -10.26 -28.34 -0.04
CA CYS B 147 -9.56 -27.07 0.01
C CYS B 147 -8.85 -26.72 -1.28
N ASP B 148 -8.69 -25.41 -1.50
CA ASP B 148 -7.98 -24.90 -2.65
C ASP B 148 -6.57 -24.65 -2.20
N ASN B 149 -5.64 -24.53 -3.15
CA ASN B 149 -4.24 -24.31 -2.83
C ASN B 149 -3.49 -23.47 -3.86
N SER B 150 -2.17 -23.65 -3.89
CA SER B 150 -1.29 -22.95 -4.81
C SER B 150 -0.28 -23.93 -5.39
#